data_7P5A
#
_entry.id   7P5A
#
_cell.length_a   129.396
_cell.length_b   129.396
_cell.length_c   129.396
_cell.angle_alpha   90.000
_cell.angle_beta   90.000
_cell.angle_gamma   90.000
#
_symmetry.space_group_name_H-M   'I 21 3'
#
loop_
_entity.id
_entity.type
_entity.pdbx_description
1 polymer 'Variant surface glycoprotein'
2 branched alpha-D-mannopyranose-(1-2)-alpha-D-mannopyranose-(1-3)-[alpha-D-mannopyranose-(1-6)]beta-D-mannopyranose-(1-4)-2-acetamido-2-deoxy-beta-D-glucopyranose-(1-4)-2-acetamido-2-deoxy-beta-D-glucopyranose
3 non-polymer alpha-D-glucopyranose
4 water water
#
_entity_poly.entity_id   1
_entity_poly.type   'polypeptide(L)'
_entity_poly.pdbx_seq_one_letter_code
;MQAAALLLLVLRAITSIEAAADDVNPDDNKEDFAVLCALAALANLQTTVPSIDTSGLAAYDNLQQLNLSLSSKEWKSLFN
KAADSNGSPKQPPEGFQSDPTWRKQWPIWVTAAAALKAENKEAAVLARAGLTNAPEELRNRARLALIPLLAQAEQIRDRL
SEIQKQNEDTTPTAIAKALNKAVYGQDKETGAVYNSADCFSGNVADSTQNSCKAGNQASKATTVAATIVCVCHKKNGGND
AANACGRLINHQSDAGANLATASSDFGDIIATCAARPPKPLTAAYLDSALAAVSARIRFKNGNGYLGKFKATGCTGAASE
GLCVEYTALTAATMQNFYKIPWVKEISNVAEALKRTEKDAAESTLLSTWLKASENQGNSVAQKLIKVGDSKAVPPAQRQT
QNKPGSNCNKNLKKSECKDSDGCKWNRTEETEGDFCKPKETGTENPAAGTGEGAAGANTETKKCSDKKTEGDCKDGCKWD
GKECKDSSILATKKFALTVVSAAFVALLF
;
_entity_poly.pdbx_strand_id   A
#
loop_
_chem_comp.id
_chem_comp.type
_chem_comp.name
_chem_comp.formula
BMA D-saccharide, beta linking beta-D-mannopyranose 'C6 H12 O6'
GLC D-saccharide, alpha linking alpha-D-glucopyranose 'C6 H12 O6'
MAN D-saccharide, alpha linking alpha-D-mannopyranose 'C6 H12 O6'
NAG D-saccharide, beta linking 2-acetamido-2-deoxy-beta-D-glucopyranose 'C8 H15 N O6'
#
# COMPACT_ATOMS: atom_id res chain seq x y z
N ALA A 20 -33.65 3.27 31.08
CA ALA A 20 -32.21 3.40 30.80
C ALA A 20 -31.88 2.96 29.39
N ALA A 21 -32.91 2.86 28.54
CA ALA A 21 -32.67 2.48 27.15
C ALA A 21 -31.82 3.51 26.42
N ASP A 22 -31.88 4.78 26.83
CA ASP A 22 -31.09 5.83 26.20
C ASP A 22 -29.68 5.90 26.77
N ASP A 23 -29.40 5.19 27.86
CA ASP A 23 -28.06 5.01 28.37
C ASP A 23 -27.32 3.96 27.54
N VAL A 24 -26.01 3.91 27.71
CA VAL A 24 -25.20 2.91 27.03
C VAL A 24 -25.33 1.60 27.80
N ASN A 25 -25.93 0.61 27.17
CA ASN A 25 -26.17 -0.71 27.72
C ASN A 25 -25.32 -1.74 27.00
N PRO A 26 -25.18 -2.94 27.56
CA PRO A 26 -24.45 -4.00 26.85
C PRO A 26 -25.01 -4.21 25.46
N ASP A 27 -24.10 -4.47 24.52
CA ASP A 27 -24.32 -4.65 23.09
C ASP A 27 -24.77 -3.39 22.37
N ASP A 28 -24.89 -2.24 23.06
CA ASP A 28 -25.34 -1.03 22.38
C ASP A 28 -24.37 -0.56 21.31
N ASN A 29 -23.08 -0.89 21.44
CA ASN A 29 -22.08 -0.53 20.44
C ASN A 29 -21.61 -1.76 19.65
N LYS A 30 -22.41 -2.83 19.66
CA LYS A 30 -22.02 -4.09 19.03
C LYS A 30 -21.77 -3.93 17.54
N GLU A 31 -22.65 -3.21 16.84
CA GLU A 31 -22.49 -3.10 15.41
C GLU A 31 -21.36 -2.14 15.04
N ASP A 32 -21.18 -1.06 15.81
CA ASP A 32 -19.98 -0.25 15.63
C ASP A 32 -18.72 -1.12 15.78
N PHE A 33 -18.72 -2.03 16.76
CA PHE A 33 -17.53 -2.82 17.05
C PHE A 33 -17.18 -3.76 15.90
N ALA A 34 -18.19 -4.32 15.24
CA ALA A 34 -17.92 -5.19 14.09
C ALA A 34 -17.11 -4.45 13.05
N VAL A 35 -17.50 -3.21 12.74
CA VAL A 35 -16.74 -2.43 11.77
C VAL A 35 -15.34 -2.15 12.28
N LEU A 36 -15.21 -1.78 13.55
CA LEU A 36 -13.89 -1.48 14.10
C LEU A 36 -13.02 -2.72 14.19
N CYS A 37 -13.61 -3.88 14.45
CA CYS A 37 -12.85 -5.13 14.45
C CYS A 37 -12.26 -5.38 13.06
N ALA A 38 -13.05 -5.16 12.00
CA ALA A 38 -12.53 -5.34 10.65
C ALA A 38 -11.34 -4.43 10.38
N LEU A 39 -11.37 -3.20 10.93
CA LEU A 39 -10.26 -2.27 10.73
C LEU A 39 -9.06 -2.67 11.57
N ALA A 40 -9.29 -3.09 12.81
CA ALA A 40 -8.18 -3.50 13.67
C ALA A 40 -7.45 -4.72 13.13
N ALA A 41 -8.12 -5.56 12.34
CA ALA A 41 -7.49 -6.71 11.74
C ALA A 41 -6.50 -6.34 10.66
N LEU A 42 -6.36 -5.06 10.34
CA LEU A 42 -5.32 -4.60 9.43
C LEU A 42 -3.96 -4.50 10.10
N ALA A 43 -3.89 -4.69 11.42
CA ALA A 43 -2.62 -4.59 12.13
C ALA A 43 -1.74 -5.81 11.86
N ASN A 44 -0.43 -5.57 11.83
CA ASN A 44 0.55 -6.64 11.63
C ASN A 44 0.13 -7.52 10.46
N LEU A 45 -0.30 -6.86 9.38
CA LEU A 45 -0.82 -7.57 8.21
C LEU A 45 0.31 -8.12 7.36
N GLN A 46 0.14 -9.35 6.90
CA GLN A 46 1.08 -10.01 6.00
C GLN A 46 0.30 -10.31 4.72
N THR A 47 0.38 -9.39 3.76
CA THR A 47 -0.38 -9.48 2.52
C THR A 47 0.57 -9.46 1.34
N THR A 48 0.15 -10.11 0.26
CA THR A 48 0.81 -9.92 -1.02
C THR A 48 0.22 -8.69 -1.70
N VAL A 49 1.02 -8.03 -2.52
CA VAL A 49 0.55 -6.88 -3.29
C VAL A 49 0.53 -7.28 -4.76
N PRO A 50 -0.24 -6.60 -5.60
CA PRO A 50 -0.16 -6.87 -7.05
C PRO A 50 1.23 -6.61 -7.59
N SER A 51 1.80 -7.62 -8.26
CA SER A 51 3.16 -7.55 -8.74
C SER A 51 3.20 -6.91 -10.13
N ILE A 52 4.13 -5.97 -10.30
CA ILE A 52 4.48 -5.51 -11.64
C ILE A 52 5.28 -6.63 -12.32
N ASP A 53 4.74 -7.16 -13.42
CA ASP A 53 5.45 -8.15 -14.23
C ASP A 53 6.54 -7.43 -15.01
N THR A 54 7.78 -7.55 -14.55
CA THR A 54 8.93 -6.91 -15.19
C THR A 54 9.74 -7.87 -16.05
N SER A 55 9.19 -9.05 -16.37
CA SER A 55 9.91 -9.97 -17.24
C SER A 55 10.14 -9.38 -18.62
N GLY A 56 9.33 -8.40 -19.02
CA GLY A 56 9.56 -7.74 -20.30
C GLY A 56 10.86 -6.96 -20.32
N LEU A 57 11.31 -6.47 -19.16
CA LEU A 57 12.55 -5.71 -19.14
C LEU A 57 13.73 -6.60 -19.52
N ALA A 58 13.72 -7.86 -19.07
CA ALA A 58 14.80 -8.77 -19.45
C ALA A 58 14.71 -9.14 -20.93
N ALA A 59 13.50 -9.27 -21.46
CA ALA A 59 13.34 -9.55 -22.88
C ALA A 59 13.90 -8.41 -23.71
N TYR A 60 13.66 -7.17 -23.29
CA TYR A 60 14.23 -6.03 -24.01
C TYR A 60 15.75 -5.99 -23.88
N ASP A 61 16.27 -6.28 -22.68
CA ASP A 61 17.71 -6.37 -22.51
C ASP A 61 18.30 -7.42 -23.44
N ASN A 62 17.61 -8.54 -23.63
CA ASN A 62 18.09 -9.56 -24.55
C ASN A 62 18.11 -9.03 -25.98
N LEU A 63 17.10 -8.24 -26.35
CA LEU A 63 17.09 -7.63 -27.68
C LEU A 63 18.23 -6.63 -27.84
N GLN A 64 18.50 -5.86 -26.78
CA GLN A 64 19.63 -4.93 -26.83
C GLN A 64 20.94 -5.69 -27.00
N GLN A 65 21.08 -6.83 -26.34
CA GLN A 65 22.30 -7.61 -26.45
C GLN A 65 22.47 -8.21 -27.84
N LEU A 66 21.37 -8.67 -28.45
CA LEU A 66 21.44 -9.13 -29.83
C LEU A 66 21.91 -8.00 -30.74
N ASN A 67 21.27 -6.83 -30.62
CA ASN A 67 21.63 -5.68 -31.43
C ASN A 67 23.11 -5.34 -31.30
N LEU A 68 23.60 -5.25 -30.06
CA LEU A 68 25.01 -4.95 -29.85
C LEU A 68 25.90 -6.06 -30.41
N SER A 69 25.52 -7.32 -30.18
CA SER A 69 26.31 -8.43 -30.71
C SER A 69 26.49 -8.31 -32.22
N LEU A 70 25.45 -7.84 -32.91
CA LEU A 70 25.49 -7.71 -34.37
C LEU A 70 26.14 -6.42 -34.82
N SER A 71 26.67 -5.61 -33.91
CA SER A 71 27.18 -4.30 -34.27
C SER A 71 28.63 -4.37 -34.72
N SER A 72 29.10 -3.27 -35.29
CA SER A 72 30.46 -3.20 -35.81
C SER A 72 31.48 -3.15 -34.67
N LYS A 73 32.73 -3.45 -35.02
CA LYS A 73 33.83 -3.33 -34.07
C LYS A 73 33.98 -1.89 -33.58
N GLU A 74 33.75 -0.92 -34.46
CA GLU A 74 33.83 0.48 -34.06
C GLU A 74 32.79 0.79 -33.00
N TRP A 75 31.56 0.31 -33.18
CA TRP A 75 30.50 0.58 -32.21
C TRP A 75 30.74 -0.16 -30.91
N LYS A 76 31.14 -1.43 -30.99
CA LYS A 76 31.43 -2.20 -29.79
C LYS A 76 32.54 -1.57 -28.97
N SER A 77 33.54 -0.96 -29.64
CA SER A 77 34.67 -0.41 -28.90
C SER A 77 34.26 0.75 -28.00
N LEU A 78 33.10 1.36 -28.24
CA LEU A 78 32.66 2.47 -27.40
C LEU A 78 32.45 2.04 -25.95
N PHE A 79 32.15 0.78 -25.72
CA PHE A 79 31.82 0.29 -24.37
C PHE A 79 32.93 -0.58 -23.82
N GLN A 91 29.56 7.75 -19.26
CA GLN A 91 29.07 8.79 -20.16
C GLN A 91 29.47 8.56 -21.61
N PRO A 92 28.62 8.98 -22.55
CA PRO A 92 28.96 8.84 -23.99
C PRO A 92 30.26 9.53 -24.32
N PRO A 93 30.91 9.16 -25.42
CA PRO A 93 32.21 9.74 -25.75
C PRO A 93 32.07 11.17 -26.26
N GLU A 94 33.22 11.82 -26.40
CA GLU A 94 33.25 13.20 -26.86
C GLU A 94 32.56 13.32 -28.22
N GLY A 95 31.64 14.28 -28.31
CA GLY A 95 30.86 14.50 -29.50
C GLY A 95 29.42 14.04 -29.37
N PHE A 96 29.12 13.21 -28.39
CA PHE A 96 27.78 12.69 -28.19
C PHE A 96 27.32 12.83 -26.74
N GLN A 97 28.12 13.51 -25.91
CA GLN A 97 27.76 13.66 -24.49
C GLN A 97 26.45 14.41 -24.32
N SER A 98 26.13 15.32 -25.24
CA SER A 98 24.92 16.10 -25.17
C SER A 98 23.84 15.62 -26.14
N ASP A 99 24.09 14.54 -26.87
CA ASP A 99 23.07 13.99 -27.75
C ASP A 99 21.98 13.34 -26.91
N PRO A 100 20.72 13.77 -27.02
CA PRO A 100 19.70 13.25 -26.09
C PRO A 100 19.45 11.76 -26.23
N THR A 101 19.57 11.21 -27.45
CA THR A 101 19.37 9.77 -27.62
C THR A 101 20.51 8.99 -26.96
N TRP A 102 21.75 9.45 -27.12
CA TRP A 102 22.87 8.76 -26.47
C TRP A 102 22.77 8.88 -24.96
N ARG A 103 22.42 10.06 -24.44
CA ARG A 103 22.23 10.22 -23.01
C ARG A 103 21.16 9.27 -22.49
N LYS A 104 20.11 9.07 -23.28
CA LYS A 104 19.02 8.17 -22.88
C LYS A 104 19.46 6.71 -22.93
N GLN A 105 20.14 6.32 -24.01
CA GLN A 105 20.44 4.92 -24.24
C GLN A 105 21.70 4.45 -23.53
N TRP A 106 22.62 5.36 -23.21
CA TRP A 106 23.91 4.94 -22.68
C TRP A 106 23.80 3.90 -21.58
N PRO A 107 22.99 4.10 -20.53
CA PRO A 107 22.91 3.06 -19.48
C PRO A 107 22.40 1.72 -20.01
N ILE A 108 21.45 1.75 -20.95
CA ILE A 108 20.94 0.51 -21.52
C ILE A 108 22.03 -0.19 -22.32
N TRP A 109 22.76 0.57 -23.14
CA TRP A 109 23.84 -0.02 -23.92
C TRP A 109 24.94 -0.56 -23.02
N VAL A 110 25.31 0.21 -21.99
CA VAL A 110 26.36 -0.24 -21.07
C VAL A 110 25.97 -1.55 -20.42
N THR A 111 24.72 -1.65 -19.95
CA THR A 111 24.26 -2.89 -19.34
C THR A 111 24.32 -4.04 -20.34
N ALA A 112 23.89 -3.82 -21.58
CA ALA A 112 23.96 -4.87 -22.58
C ALA A 112 25.39 -5.32 -22.80
N ALA A 113 26.33 -4.36 -22.88
CA ALA A 113 27.72 -4.71 -23.09
C ALA A 113 28.28 -5.50 -21.90
N ALA A 114 27.92 -5.10 -20.68
CA ALA A 114 28.40 -5.83 -19.51
C ALA A 114 27.87 -7.25 -19.49
N ALA A 115 26.58 -7.44 -19.80
CA ALA A 115 26.00 -8.77 -19.82
C ALA A 115 26.65 -9.65 -20.88
N LEU A 116 26.98 -9.06 -22.03
CA LEU A 116 27.59 -9.84 -23.11
C LEU A 116 29.00 -10.29 -22.79
N LYS A 117 29.67 -9.63 -21.84
CA LYS A 117 31.02 -10.06 -21.47
C LYS A 117 31.03 -11.40 -20.73
N ALA A 118 29.86 -11.86 -20.28
CA ALA A 118 29.80 -13.08 -19.49
C ALA A 118 30.10 -14.30 -20.34
N GLU A 119 30.82 -15.26 -19.75
CA GLU A 119 31.20 -16.48 -20.45
C GLU A 119 30.01 -17.10 -21.17
N ASN A 120 30.21 -17.37 -22.46
CA ASN A 120 29.26 -18.02 -23.36
C ASN A 120 27.99 -17.21 -23.61
N LYS A 121 27.87 -15.99 -23.07
CA LYS A 121 26.61 -15.26 -23.21
C LYS A 121 26.35 -14.88 -24.67
N GLU A 122 27.36 -14.30 -25.34
CA GLU A 122 27.14 -13.86 -26.71
C GLU A 122 26.79 -15.04 -27.62
N ALA A 123 27.48 -16.17 -27.43
CA ALA A 123 27.19 -17.34 -28.25
C ALA A 123 25.73 -17.78 -28.09
N ALA A 124 25.23 -17.77 -26.85
CA ALA A 124 23.82 -18.10 -26.63
C ALA A 124 22.91 -17.10 -27.32
N VAL A 125 23.18 -15.81 -27.17
CA VAL A 125 22.38 -14.79 -27.84
C VAL A 125 22.29 -15.08 -29.33
N LEU A 126 23.45 -15.29 -29.98
CA LEU A 126 23.46 -15.49 -31.41
C LEU A 126 22.78 -16.80 -31.80
N ALA A 127 22.95 -17.85 -30.99
CA ALA A 127 22.31 -19.13 -31.31
C ALA A 127 20.80 -19.02 -31.24
N ARG A 128 20.28 -18.33 -30.21
CA ARG A 128 18.83 -18.16 -30.08
C ARG A 128 18.24 -17.41 -31.27
N ALA A 129 19.05 -16.56 -31.91
CA ALA A 129 18.62 -15.78 -33.06
C ALA A 129 18.93 -16.45 -34.40
N GLY A 130 19.49 -17.66 -34.38
CA GLY A 130 19.86 -18.32 -35.61
C GLY A 130 20.99 -17.67 -36.36
N LEU A 131 21.87 -16.96 -35.65
CA LEU A 131 22.95 -16.21 -36.28
C LEU A 131 24.32 -16.74 -35.88
N THR A 132 24.39 -17.96 -35.33
CA THR A 132 25.68 -18.58 -35.09
C THR A 132 26.43 -18.74 -36.39
N ASN A 133 27.69 -18.30 -36.41
CA ASN A 133 28.53 -18.38 -37.61
C ASN A 133 27.86 -17.72 -38.80
N ALA A 134 27.08 -16.67 -38.55
CA ALA A 134 26.37 -16.00 -39.62
C ALA A 134 27.35 -15.18 -40.47
N PRO A 135 27.19 -15.19 -41.79
CA PRO A 135 28.03 -14.34 -42.64
C PRO A 135 27.87 -12.86 -42.27
N GLU A 136 28.89 -12.09 -42.64
CA GLU A 136 28.90 -10.66 -42.30
C GLU A 136 27.72 -9.93 -42.92
N GLU A 137 27.34 -10.29 -44.14
CA GLU A 137 26.21 -9.64 -44.78
C GLU A 137 24.91 -9.94 -44.04
N LEU A 138 24.76 -11.18 -43.56
CA LEU A 138 23.56 -11.54 -42.81
C LEU A 138 23.51 -10.82 -41.46
N ARG A 139 24.63 -10.80 -40.75
CA ARG A 139 24.66 -10.08 -39.48
C ARG A 139 24.20 -8.64 -39.67
N ASN A 140 24.66 -8.00 -40.75
CA ASN A 140 24.31 -6.62 -40.99
C ASN A 140 22.82 -6.46 -41.31
N ARG A 141 22.32 -7.27 -42.24
CA ARG A 141 20.91 -7.17 -42.60
C ARG A 141 20.02 -7.48 -41.40
N ALA A 142 20.44 -8.42 -40.56
CA ALA A 142 19.67 -8.74 -39.36
C ALA A 142 19.62 -7.56 -38.39
N ARG A 143 20.76 -6.92 -38.16
CA ARG A 143 20.76 -5.75 -37.28
C ARG A 143 19.82 -4.67 -37.81
N LEU A 144 19.90 -4.38 -39.10
CA LEU A 144 19.04 -3.36 -39.69
C LEU A 144 17.58 -3.75 -39.59
N ALA A 145 17.28 -5.04 -39.69
CA ALA A 145 15.90 -5.51 -39.57
C ALA A 145 15.34 -5.29 -38.18
N LEU A 146 16.22 -5.21 -37.17
CA LEU A 146 15.79 -4.95 -35.81
C LEU A 146 15.41 -3.49 -35.56
N ILE A 147 15.73 -2.58 -36.47
CA ILE A 147 15.54 -1.15 -36.22
C ILE A 147 14.08 -0.87 -35.89
N PRO A 148 13.13 -1.21 -36.77
CA PRO A 148 11.71 -0.91 -36.44
C PRO A 148 11.19 -1.76 -35.29
N LEU A 149 11.69 -2.98 -35.13
CA LEU A 149 11.33 -3.81 -33.99
C LEU A 149 11.71 -3.13 -32.68
N LEU A 150 12.95 -2.64 -32.59
CA LEU A 150 13.41 -2.01 -31.37
C LEU A 150 12.71 -0.67 -31.13
N ALA A 151 12.43 0.07 -32.20
CA ALA A 151 11.71 1.32 -32.06
C ALA A 151 10.31 1.07 -31.47
N GLN A 152 9.65 0.01 -31.91
CA GLN A 152 8.33 -0.32 -31.36
C GLN A 152 8.43 -0.73 -29.91
N ALA A 153 9.45 -1.53 -29.57
CA ALA A 153 9.59 -2.04 -28.21
C ALA A 153 10.04 -0.96 -27.24
N GLU A 154 10.74 0.06 -27.72
CA GLU A 154 11.30 1.05 -26.82
C GLU A 154 10.23 1.70 -25.97
N GLN A 155 9.14 2.14 -26.59
CA GLN A 155 8.08 2.83 -25.85
C GLN A 155 7.39 1.88 -24.88
N ILE A 156 7.20 0.62 -25.28
CA ILE A 156 6.61 -0.37 -24.39
C ILE A 156 7.50 -0.58 -23.18
N ARG A 157 8.80 -0.78 -23.42
CA ARG A 157 9.74 -0.97 -22.32
C ARG A 157 9.81 0.26 -21.43
N ASP A 158 9.82 1.46 -22.02
CA ASP A 158 9.90 2.67 -21.21
C ASP A 158 8.68 2.80 -20.32
N ARG A 159 7.50 2.43 -20.82
CA ARG A 159 6.29 2.48 -19.99
C ARG A 159 6.38 1.46 -18.86
N LEU A 160 6.90 0.26 -19.13
CA LEU A 160 7.02 -0.75 -18.09
C LEU A 160 8.00 -0.30 -17.01
N SER A 161 9.11 0.32 -17.41
CA SER A 161 10.06 0.85 -16.44
C SER A 161 9.44 1.96 -15.61
N GLU A 162 8.68 2.85 -16.25
CA GLU A 162 7.97 3.90 -15.52
C GLU A 162 7.01 3.29 -14.49
N ILE A 163 6.28 2.27 -14.89
CA ILE A 163 5.36 1.59 -13.97
C ILE A 163 6.12 1.05 -12.78
N GLN A 164 7.25 0.39 -13.05
CA GLN A 164 8.06 -0.17 -11.97
C GLN A 164 8.46 0.91 -10.98
N LYS A 165 8.95 2.05 -11.49
CA LYS A 165 9.38 3.12 -10.59
C LYS A 165 8.21 3.72 -9.84
N GLN A 166 7.07 3.89 -10.51
CA GLN A 166 5.94 4.57 -9.89
C GLN A 166 5.33 3.76 -8.75
N ASN A 167 5.48 2.44 -8.77
CA ASN A 167 4.88 1.58 -7.75
C ASN A 167 5.90 0.93 -6.83
N GLU A 168 7.15 1.38 -6.89
CA GLU A 168 8.20 0.72 -6.14
C GLU A 168 8.04 0.84 -4.63
N ASP A 169 7.24 1.79 -4.14
CA ASP A 169 7.01 1.93 -2.71
C ASP A 169 5.69 1.28 -2.26
N THR A 170 4.99 0.61 -3.16
CA THR A 170 3.80 -0.17 -2.80
C THR A 170 4.26 -1.60 -2.55
N THR A 171 4.63 -1.87 -1.30
CA THR A 171 5.21 -3.13 -0.87
C THR A 171 4.43 -3.67 0.32
N PRO A 172 4.51 -4.98 0.58
CA PRO A 172 3.88 -5.51 1.81
C PRO A 172 4.42 -4.84 3.07
N THR A 173 5.72 -4.55 3.10
CA THR A 173 6.32 -3.92 4.28
C THR A 173 5.77 -2.52 4.50
N ALA A 174 5.78 -1.70 3.45
CA ALA A 174 5.32 -0.32 3.59
C ALA A 174 3.83 -0.27 3.91
N ILE A 175 3.05 -1.19 3.34
CA ILE A 175 1.63 -1.25 3.67
C ILE A 175 1.43 -1.65 5.12
N ALA A 176 2.19 -2.63 5.59
CA ALA A 176 2.04 -3.09 6.97
C ALA A 176 2.40 -1.98 7.95
N LYS A 177 3.46 -1.22 7.66
CA LYS A 177 3.85 -0.12 8.53
C LYS A 177 2.75 0.93 8.59
N ALA A 178 2.22 1.32 7.43
CA ALA A 178 1.17 2.34 7.40
C ALA A 178 -0.07 1.86 8.13
N LEU A 179 -0.46 0.60 7.95
CA LEU A 179 -1.63 0.08 8.64
C LEU A 179 -1.40 -0.04 10.14
N ASN A 180 -0.17 -0.37 10.55
CA ASN A 180 0.12 -0.40 11.99
C ASN A 180 0.13 1.00 12.58
N LYS A 181 0.55 2.00 11.81
CA LYS A 181 0.35 3.38 12.23
C LYS A 181 -1.14 3.67 12.40
N ALA A 182 -1.96 3.19 11.47
CA ALA A 182 -3.40 3.43 11.55
C ALA A 182 -4.00 2.78 12.79
N VAL A 183 -3.65 1.52 13.05
CA VAL A 183 -4.34 0.77 14.10
C VAL A 183 -3.75 1.09 15.47
N TYR A 184 -2.43 1.08 15.58
CA TYR A 184 -1.76 1.18 16.87
C TYR A 184 -0.87 2.41 17.01
N GLY A 185 -0.75 3.24 15.98
CA GLY A 185 0.13 4.39 16.07
C GLY A 185 1.59 4.05 16.11
N GLN A 186 1.97 2.85 15.69
CA GLN A 186 3.35 2.39 15.73
C GLN A 186 3.82 2.12 14.30
N ASP A 187 4.84 2.86 13.89
CA ASP A 187 5.37 2.80 12.52
C ASP A 187 6.35 1.64 12.41
N LYS A 188 5.81 0.42 12.45
CA LYS A 188 6.62 -0.78 12.39
C LYS A 188 5.89 -1.85 11.60
N GLU A 189 6.68 -2.74 11.01
CA GLU A 189 6.12 -3.75 10.11
C GLU A 189 5.40 -4.86 10.87
N THR A 190 5.90 -5.22 12.05
CA THR A 190 5.31 -6.31 12.81
C THR A 190 5.57 -6.04 14.28
N GLY A 191 4.92 -6.83 15.13
CA GLY A 191 5.04 -6.63 16.55
C GLY A 191 4.33 -5.42 17.11
N ALA A 192 3.43 -4.80 16.34
CA ALA A 192 2.65 -3.69 16.84
C ALA A 192 1.66 -4.19 17.90
N VAL A 193 1.58 -3.46 19.01
CA VAL A 193 0.73 -3.83 20.13
C VAL A 193 0.13 -2.57 20.74
N TYR A 194 -0.93 -2.77 21.53
CA TYR A 194 -1.58 -1.64 22.18
C TYR A 194 -0.61 -0.94 23.13
N ASN A 195 -0.56 0.38 23.05
CA ASN A 195 0.28 1.19 23.93
C ASN A 195 -0.34 2.59 23.91
N SER A 196 -0.90 3.03 25.03
CA SER A 196 -1.61 4.31 25.03
C SER A 196 -0.71 5.45 24.56
N ALA A 197 0.60 5.36 24.81
CA ALA A 197 1.51 6.40 24.37
C ALA A 197 1.47 6.58 22.86
N ASP A 198 1.18 5.51 22.13
CA ASP A 198 1.12 5.56 20.67
C ASP A 198 -0.31 5.56 20.13
N CYS A 199 -1.23 4.90 20.83
CA CYS A 199 -2.60 4.80 20.34
C CYS A 199 -3.35 6.11 20.51
N PHE A 200 -3.05 6.86 21.57
CA PHE A 200 -3.54 8.21 21.78
C PHE A 200 -2.41 9.18 21.49
N SER A 201 -2.72 10.24 20.75
CA SER A 201 -1.71 11.20 20.32
C SER A 201 -1.17 11.94 21.53
N GLY A 202 0.09 11.69 21.87
CA GLY A 202 0.65 12.24 23.09
C GLY A 202 0.21 11.54 24.34
N ASN A 203 -0.30 10.31 24.23
CA ASN A 203 -0.81 9.51 25.35
C ASN A 203 -2.16 10.06 25.77
N VAL A 204 -2.81 9.40 26.73
CA VAL A 204 -4.16 9.80 27.09
C VAL A 204 -4.17 11.19 27.70
N ALA A 205 -5.32 11.87 27.60
CA ALA A 205 -5.48 13.21 28.12
C ALA A 205 -5.79 13.16 29.62
N ASP A 206 -6.05 14.34 30.19
CA ASP A 206 -6.37 14.41 31.61
C ASP A 206 -7.70 13.73 31.92
N SER A 207 -8.60 13.66 30.94
CA SER A 207 -9.90 13.03 31.15
C SER A 207 -10.26 12.17 29.95
N THR A 208 -11.11 11.17 30.19
CA THR A 208 -11.63 10.36 29.08
C THR A 208 -12.29 11.25 28.03
N GLN A 209 -13.10 12.22 28.48
CA GLN A 209 -13.78 13.12 27.57
C GLN A 209 -12.81 13.77 26.60
N ASN A 210 -11.64 14.20 27.09
CA ASN A 210 -10.67 14.82 26.21
C ASN A 210 -9.86 13.80 25.43
N SER A 211 -9.68 12.60 25.98
CA SER A 211 -8.97 11.55 25.26
C SER A 211 -9.77 11.08 24.04
N CYS A 212 -11.09 11.05 24.16
CA CYS A 212 -11.98 10.48 23.14
C CYS A 212 -12.49 11.54 22.19
N LYS A 213 -11.59 12.43 21.77
CA LYS A 213 -11.86 13.44 20.77
C LYS A 213 -10.88 13.24 19.61
N ALA A 214 -11.36 13.54 18.40
CA ALA A 214 -10.52 13.48 17.22
C ALA A 214 -10.99 14.54 16.23
N GLY A 215 -10.06 15.03 15.43
CA GLY A 215 -10.36 16.00 14.40
C GLY A 215 -10.15 17.45 14.79
N ASN A 216 -10.04 17.75 16.07
CA ASN A 216 -9.93 19.12 16.54
C ASN A 216 -8.45 19.51 16.66
N GLN A 217 -8.17 20.59 17.39
CA GLN A 217 -6.78 20.97 17.62
C GLN A 217 -6.09 19.98 18.56
N ALA A 218 -6.67 19.76 19.74
CA ALA A 218 -6.15 18.78 20.69
C ALA A 218 -6.70 17.39 20.38
N SER A 219 -6.40 16.93 19.17
CA SER A 219 -6.89 15.64 18.69
C SER A 219 -6.14 14.51 19.37
N LYS A 220 -6.86 13.55 19.92
CA LYS A 220 -6.23 12.48 20.69
C LYS A 220 -6.53 11.08 20.18
N ALA A 221 -7.79 10.78 19.84
CA ALA A 221 -8.19 9.43 19.43
C ALA A 221 -7.90 9.22 17.95
N THR A 222 -6.62 9.08 17.64
CA THR A 222 -6.13 9.19 16.27
C THR A 222 -5.78 7.84 15.66
N THR A 223 -6.07 6.74 16.34
CA THR A 223 -5.81 5.39 15.85
C THR A 223 -7.09 4.56 15.99
N VAL A 224 -7.13 3.44 15.28
CA VAL A 224 -8.29 2.54 15.42
C VAL A 224 -8.36 2.00 16.85
N ALA A 225 -7.20 1.73 17.46
CA ALA A 225 -7.21 1.17 18.81
C ALA A 225 -7.75 2.16 19.82
N ALA A 226 -7.35 3.44 19.71
CA ALA A 226 -7.94 4.46 20.57
C ALA A 226 -9.44 4.55 20.35
N THR A 227 -9.89 4.40 19.10
CA THR A 227 -11.33 4.44 18.84
C THR A 227 -12.04 3.29 19.54
N ILE A 228 -11.45 2.10 19.49
CA ILE A 228 -12.03 0.94 20.18
C ILE A 228 -12.04 1.16 21.69
N VAL A 229 -10.94 1.65 22.25
CA VAL A 229 -10.93 1.97 23.67
C VAL A 229 -12.09 2.90 23.99
N CYS A 230 -12.19 4.00 23.24
CA CYS A 230 -13.22 5.01 23.54
C CYS A 230 -14.62 4.46 23.38
N VAL A 231 -14.82 3.56 22.40
CA VAL A 231 -16.16 3.06 22.11
C VAL A 231 -16.53 1.85 22.94
N CYS A 232 -15.57 1.19 23.61
CA CYS A 232 -15.83 -0.09 24.24
C CYS A 232 -15.35 -0.21 25.69
N HIS A 233 -14.56 0.72 26.20
CA HIS A 233 -13.87 0.48 27.46
C HIS A 233 -14.83 0.45 28.64
N LYS A 234 -14.42 -0.30 29.67
CA LYS A 234 -15.11 -0.33 30.96
C LYS A 234 -14.34 0.58 31.91
N LYS A 235 -14.92 1.73 32.25
CA LYS A 235 -14.28 2.62 33.20
C LYS A 235 -14.39 2.05 34.61
N ASN A 236 -13.43 2.41 35.46
CA ASN A 236 -13.57 2.04 36.86
C ASN A 236 -14.54 3.00 37.54
N GLY A 237 -14.81 2.73 38.83
CA GLY A 237 -15.61 3.61 39.64
C GLY A 237 -17.10 3.37 39.58
N GLY A 238 -17.55 2.34 38.90
CA GLY A 238 -18.96 2.12 38.70
C GLY A 238 -19.52 3.05 37.64
N ASN A 239 -20.81 2.91 37.40
CA ASN A 239 -21.51 3.71 36.40
C ASN A 239 -20.93 3.53 35.00
N ASP A 240 -20.25 2.40 34.78
CA ASP A 240 -19.61 2.09 33.52
C ASP A 240 -20.61 1.53 32.53
N ALA A 241 -20.14 1.35 31.29
CA ALA A 241 -20.94 0.70 30.25
C ALA A 241 -20.23 -0.57 29.77
N ALA A 242 -19.81 -1.41 30.71
CA ALA A 242 -19.13 -2.65 30.35
C ALA A 242 -19.96 -3.44 29.35
N ASN A 243 -19.25 -4.10 28.43
CA ASN A 243 -19.83 -4.99 27.43
C ASN A 243 -20.69 -4.26 26.41
N ALA A 244 -20.55 -2.94 26.31
CA ALA A 244 -21.22 -2.19 25.27
C ALA A 244 -20.90 -2.76 23.89
N CYS A 245 -19.66 -3.20 23.68
CA CYS A 245 -19.25 -3.72 22.38
C CYS A 245 -19.49 -5.20 22.21
N GLY A 246 -20.10 -5.86 23.19
CA GLY A 246 -20.40 -7.26 23.08
C GLY A 246 -20.42 -7.98 24.41
N ARG A 247 -21.44 -8.82 24.61
CA ARG A 247 -21.60 -9.54 25.87
C ARG A 247 -20.56 -10.64 26.06
N LEU A 248 -19.86 -11.05 25.01
CA LEU A 248 -18.86 -12.10 25.17
C LEU A 248 -17.50 -11.57 25.59
N ILE A 249 -17.32 -10.25 25.62
CA ILE A 249 -16.11 -9.67 26.19
C ILE A 249 -16.04 -10.02 27.67
N ASN A 250 -14.87 -10.49 28.11
CA ASN A 250 -14.61 -10.73 29.52
C ASN A 250 -13.78 -9.55 30.03
N HIS A 251 -14.47 -8.50 30.49
CA HIS A 251 -13.76 -7.37 31.10
C HIS A 251 -13.20 -7.85 32.43
N GLN A 252 -11.99 -8.41 32.43
CA GLN A 252 -11.42 -8.92 33.67
C GLN A 252 -10.99 -7.80 34.61
N SER A 253 -10.72 -6.62 34.07
CA SER A 253 -10.33 -5.47 34.88
C SER A 253 -11.16 -4.28 34.44
N ASP A 254 -10.51 -3.16 34.19
CA ASP A 254 -11.16 -1.99 33.64
C ASP A 254 -10.07 -1.11 33.06
N ALA A 255 -10.47 0.02 32.47
CA ALA A 255 -9.53 0.96 31.90
C ALA A 255 -8.99 1.94 32.93
N GLY A 256 -9.32 1.74 34.20
CA GLY A 256 -8.92 2.68 35.24
C GLY A 256 -9.79 3.93 35.21
N ALA A 257 -9.31 4.94 35.93
CA ALA A 257 -9.90 6.27 35.87
C ALA A 257 -9.26 7.05 34.74
N ASN A 258 -10.09 7.62 33.86
CA ASN A 258 -9.61 8.43 32.74
C ASN A 258 -8.58 7.67 31.91
N LEU A 259 -8.90 6.40 31.64
CA LEU A 259 -8.13 5.55 30.74
C LEU A 259 -6.70 5.31 31.21
N ALA A 260 -6.44 5.53 32.51
CA ALA A 260 -5.07 5.43 32.99
C ALA A 260 -4.48 4.04 32.75
N THR A 261 -5.32 3.00 32.78
CA THR A 261 -4.85 1.64 32.56
C THR A 261 -5.69 0.97 31.46
N ALA A 262 -5.86 1.67 30.34
CA ALA A 262 -6.72 1.16 29.27
C ALA A 262 -6.17 -0.09 28.62
N SER A 263 -4.85 -0.31 28.69
CA SER A 263 -4.25 -1.42 27.97
C SER A 263 -4.83 -2.77 28.38
N SER A 264 -4.94 -3.02 29.69
CA SER A 264 -5.45 -4.32 30.11
C SER A 264 -6.87 -4.53 29.60
N ASP A 265 -7.71 -3.49 29.70
CA ASP A 265 -9.08 -3.59 29.24
C ASP A 265 -9.16 -3.73 27.73
N PHE A 266 -8.26 -3.07 26.99
CA PHE A 266 -8.24 -3.22 25.55
C PHE A 266 -7.91 -4.66 25.16
N GLY A 267 -6.97 -5.29 25.86
CA GLY A 267 -6.65 -6.67 25.59
C GLY A 267 -7.87 -7.57 25.67
N ASP A 268 -8.75 -7.32 26.65
CA ASP A 268 -9.96 -8.11 26.78
C ASP A 268 -10.93 -7.84 25.65
N ILE A 269 -11.09 -6.57 25.27
CA ILE A 269 -11.99 -6.23 24.17
C ILE A 269 -11.52 -6.87 22.88
N ILE A 270 -10.24 -6.68 22.54
CA ILE A 270 -9.73 -7.14 21.25
C ILE A 270 -9.63 -8.66 21.19
N ALA A 271 -9.59 -9.33 22.34
CA ALA A 271 -9.58 -10.79 22.35
C ALA A 271 -10.79 -11.38 21.65
N THR A 272 -11.90 -10.65 21.57
CA THR A 272 -13.12 -11.17 20.95
C THR A 272 -13.15 -10.96 19.44
N CYS A 273 -12.16 -10.28 18.88
CA CYS A 273 -12.15 -9.92 17.46
C CYS A 273 -11.26 -10.89 16.68
N ALA A 274 -11.82 -11.47 15.62
CA ALA A 274 -11.09 -12.40 14.78
C ALA A 274 -11.24 -12.08 13.30
N ALA A 275 -11.49 -10.81 12.97
CA ALA A 275 -11.69 -10.45 11.58
C ALA A 275 -10.43 -10.75 10.76
N ARG A 276 -10.64 -11.05 9.48
CA ARG A 276 -9.56 -11.29 8.54
C ARG A 276 -9.89 -10.57 7.24
N PRO A 277 -9.04 -9.66 6.77
CA PRO A 277 -9.31 -8.97 5.51
C PRO A 277 -9.09 -9.91 4.33
N PRO A 278 -9.69 -9.63 3.17
CA PRO A 278 -9.41 -10.44 1.99
C PRO A 278 -7.93 -10.40 1.64
N LYS A 279 -7.44 -11.48 1.02
CA LYS A 279 -6.06 -11.60 0.61
C LYS A 279 -5.98 -11.90 -0.88
N PRO A 280 -5.21 -11.14 -1.67
CA PRO A 280 -4.43 -9.94 -1.31
C PRO A 280 -5.34 -8.83 -0.85
N LEU A 281 -4.82 -7.91 -0.05
CA LEU A 281 -5.59 -6.73 0.33
C LEU A 281 -5.83 -5.86 -0.91
N THR A 282 -7.06 -5.36 -1.02
CA THR A 282 -7.46 -4.56 -2.16
C THR A 282 -7.88 -3.17 -1.72
N ALA A 283 -7.78 -2.23 -2.67
CA ALA A 283 -8.26 -0.88 -2.41
C ALA A 283 -9.77 -0.85 -2.20
N ALA A 284 -10.50 -1.70 -2.92
CA ALA A 284 -11.95 -1.73 -2.78
C ALA A 284 -12.35 -2.14 -1.37
N TYR A 285 -11.65 -3.13 -0.80
CA TYR A 285 -11.97 -3.53 0.56
C TYR A 285 -11.72 -2.39 1.54
N LEU A 286 -10.54 -1.78 1.48
CA LEU A 286 -10.25 -0.66 2.36
C LEU A 286 -11.25 0.47 2.18
N ASP A 287 -11.55 0.81 0.92
CA ASP A 287 -12.48 1.89 0.65
C ASP A 287 -13.85 1.59 1.25
N SER A 288 -14.31 0.33 1.13
CA SER A 288 -15.62 0.00 1.67
C SER A 288 -15.61 0.06 3.19
N ALA A 289 -14.51 -0.38 3.81
CA ALA A 289 -14.39 -0.30 5.26
C ALA A 289 -14.49 1.16 5.73
N LEU A 290 -13.78 2.07 5.06
CA LEU A 290 -13.84 3.47 5.45
C LEU A 290 -15.23 4.06 5.17
N ALA A 291 -15.83 3.72 4.03
CA ALA A 291 -17.17 4.18 3.74
C ALA A 291 -18.15 3.70 4.81
N ALA A 292 -17.99 2.46 5.27
CA ALA A 292 -18.90 1.93 6.29
C ALA A 292 -18.83 2.74 7.57
N VAL A 293 -17.61 3.06 8.02
CA VAL A 293 -17.46 3.93 9.19
C VAL A 293 -18.13 5.27 8.94
N SER A 294 -17.84 5.88 7.79
CA SER A 294 -18.40 7.20 7.50
C SER A 294 -19.93 7.16 7.53
N ALA A 295 -20.53 6.03 7.15
CA ALA A 295 -21.97 5.90 7.17
C ALA A 295 -22.54 5.65 8.57
N ARG A 296 -21.69 5.41 9.57
CA ARG A 296 -22.15 5.19 10.94
C ARG A 296 -21.96 6.41 11.83
N ILE A 297 -21.16 7.38 11.41
CA ILE A 297 -20.94 8.58 12.21
C ILE A 297 -22.21 9.43 12.20
N ARG A 298 -22.66 9.83 13.38
CA ARG A 298 -23.90 10.58 13.53
C ARG A 298 -23.60 11.96 14.09
N PHE A 299 -24.30 12.97 13.58
CA PHE A 299 -24.04 14.36 13.91
C PHE A 299 -25.09 14.88 14.89
N LYS A 300 -24.62 15.50 15.96
CA LYS A 300 -25.50 16.13 16.93
C LYS A 300 -24.77 17.29 17.59
N ASN A 301 -25.45 18.43 17.72
CA ASN A 301 -24.95 19.56 18.48
C ASN A 301 -23.62 20.07 17.95
N GLY A 302 -23.41 19.99 16.65
CA GLY A 302 -22.22 20.52 16.03
C GLY A 302 -21.03 19.59 15.99
N ASN A 303 -21.16 18.38 16.53
CA ASN A 303 -20.10 17.38 16.47
C ASN A 303 -20.59 16.14 15.74
N GLY A 304 -19.65 15.25 15.44
CA GLY A 304 -19.94 13.91 14.97
C GLY A 304 -19.56 12.91 16.05
N TYR A 305 -20.24 11.77 16.07
CA TYR A 305 -20.01 10.75 17.08
C TYR A 305 -19.97 9.37 16.45
N LEU A 306 -18.99 8.57 16.87
CA LEU A 306 -18.98 7.14 16.62
C LEU A 306 -19.15 6.43 17.95
N GLY A 307 -20.17 5.58 18.04
CA GLY A 307 -20.58 5.00 19.30
C GLY A 307 -21.69 5.80 19.98
N LYS A 308 -22.35 5.15 20.93
CA LYS A 308 -23.54 5.73 21.52
C LYS A 308 -23.21 6.94 22.37
N PHE A 309 -23.85 8.07 22.06
CA PHE A 309 -23.69 9.30 22.81
C PHE A 309 -25.06 9.73 23.34
N LYS A 310 -25.12 10.02 24.64
CA LYS A 310 -26.34 10.50 25.26
C LYS A 310 -26.24 11.96 25.68
N ALA A 311 -25.18 12.33 26.40
CA ALA A 311 -25.10 13.67 26.95
C ALA A 311 -23.69 13.95 27.45
N THR A 312 -23.33 15.24 27.41
CA THR A 312 -22.14 15.79 28.06
C THR A 312 -20.87 15.48 27.30
N GLY A 313 -20.54 14.20 27.14
CA GLY A 313 -19.30 13.86 26.47
C GLY A 313 -19.11 12.36 26.41
N CYS A 314 -18.04 11.97 25.73
CA CYS A 314 -17.67 10.56 25.59
C CYS A 314 -16.75 10.22 26.77
N THR A 315 -17.38 10.06 27.93
CA THR A 315 -16.69 9.96 29.21
C THR A 315 -16.52 8.52 29.68
N GLY A 316 -17.14 7.56 29.02
CA GLY A 316 -17.15 6.19 29.49
C GLY A 316 -18.28 5.87 30.44
N ALA A 317 -18.99 6.87 30.94
CA ALA A 317 -20.12 6.64 31.82
C ALA A 317 -21.37 6.30 31.01
N ALA A 318 -22.13 5.31 31.51
CA ALA A 318 -23.29 4.83 30.76
C ALA A 318 -24.33 5.92 30.53
N SER A 319 -24.39 6.91 31.42
CA SER A 319 -25.38 7.99 31.30
C SER A 319 -24.89 9.15 30.45
N GLU A 320 -23.70 9.07 29.89
CA GLU A 320 -23.13 10.18 29.12
C GLU A 320 -22.74 9.71 27.72
N GLY A 321 -21.76 8.84 27.59
CA GLY A 321 -21.45 8.28 26.29
C GLY A 321 -20.26 7.35 26.32
N LEU A 322 -20.25 6.40 25.40
CA LEU A 322 -19.12 5.50 25.15
C LEU A 322 -18.89 5.69 23.65
N CYS A 323 -18.00 6.60 23.28
CA CYS A 323 -17.94 7.10 21.92
C CYS A 323 -16.64 7.85 21.68
N VAL A 324 -16.40 8.17 20.41
CA VAL A 324 -15.46 9.20 20.00
C VAL A 324 -16.25 10.40 19.56
N GLU A 325 -15.89 11.58 20.06
CA GLU A 325 -16.49 12.85 19.66
C GLU A 325 -15.59 13.45 18.58
N TYR A 326 -16.09 13.53 17.35
CA TYR A 326 -15.36 14.19 16.26
C TYR A 326 -15.72 15.66 16.35
N THR A 327 -14.93 16.40 17.14
CA THR A 327 -15.31 17.75 17.52
C THR A 327 -15.43 18.65 16.30
N ALA A 328 -16.55 19.36 16.21
CA ALA A 328 -16.84 20.31 15.14
C ALA A 328 -16.99 19.65 13.78
N LEU A 329 -17.02 18.32 13.72
CA LEU A 329 -17.28 17.65 12.44
C LEU A 329 -18.75 17.82 12.07
N THR A 330 -18.98 18.18 10.81
CA THR A 330 -20.31 18.33 10.24
C THR A 330 -20.32 17.67 8.87
N ALA A 331 -21.51 17.51 8.29
CA ALA A 331 -21.59 16.89 6.97
C ALA A 331 -20.79 17.70 5.94
N ALA A 332 -20.80 19.03 6.06
CA ALA A 332 -20.09 19.86 5.11
C ALA A 332 -18.58 19.85 5.32
N THR A 333 -18.10 19.52 6.52
CA THR A 333 -16.68 19.43 6.79
C THR A 333 -16.21 17.97 6.90
N MET A 334 -16.95 17.03 6.32
CA MET A 334 -16.61 15.62 6.42
C MET A 334 -15.21 15.33 5.89
N GLN A 335 -14.70 16.15 4.97
CA GLN A 335 -13.34 15.96 4.50
C GLN A 335 -12.34 15.91 5.66
N ASN A 336 -12.64 16.60 6.76
CA ASN A 336 -11.72 16.61 7.89
C ASN A 336 -11.63 15.25 8.58
N PHE A 337 -12.69 14.43 8.49
CA PHE A 337 -12.60 13.07 8.99
C PHE A 337 -11.48 12.31 8.29
N TYR A 338 -11.31 12.52 6.99
CA TYR A 338 -10.30 11.81 6.22
C TYR A 338 -8.89 12.36 6.45
N LYS A 339 -8.76 13.45 7.21
CA LYS A 339 -7.45 13.94 7.63
C LYS A 339 -7.02 13.38 8.99
N ILE A 340 -7.91 12.69 9.70
CA ILE A 340 -7.52 12.06 10.98
C ILE A 340 -6.48 10.98 10.70
N PRO A 341 -5.37 10.93 11.45
CA PRO A 341 -4.26 10.04 11.06
C PRO A 341 -4.66 8.64 10.64
N TRP A 342 -5.46 7.90 11.41
CA TRP A 342 -5.72 6.52 11.00
C TRP A 342 -6.51 6.48 9.69
N VAL A 343 -7.44 7.42 9.51
CA VAL A 343 -8.21 7.47 8.26
C VAL A 343 -7.29 7.82 7.10
N LYS A 344 -6.36 8.76 7.31
CA LYS A 344 -5.45 9.16 6.24
C LYS A 344 -4.49 8.02 5.88
N GLU A 345 -4.00 7.29 6.88
CA GLU A 345 -3.09 6.19 6.61
C GLU A 345 -3.77 5.13 5.75
N ILE A 346 -4.99 4.74 6.12
CA ILE A 346 -5.70 3.72 5.36
C ILE A 346 -6.04 4.24 3.97
N SER A 347 -6.45 5.50 3.87
CA SER A 347 -6.70 6.10 2.56
C SER A 347 -5.45 6.07 1.69
N ASN A 348 -4.29 6.40 2.28
CA ASN A 348 -3.05 6.37 1.52
C ASN A 348 -2.76 4.98 0.97
N VAL A 349 -2.94 3.95 1.81
CA VAL A 349 -2.73 2.58 1.36
C VAL A 349 -3.70 2.25 0.23
N ALA A 350 -4.96 2.68 0.37
CA ALA A 350 -5.96 2.35 -0.64
C ALA A 350 -5.65 3.02 -1.97
N GLU A 351 -5.21 4.29 -1.93
CA GLU A 351 -4.85 4.97 -3.16
C GLU A 351 -3.65 4.30 -3.83
N ALA A 352 -2.66 3.90 -3.03
CA ALA A 352 -1.49 3.24 -3.61
C ALA A 352 -1.88 1.91 -4.24
N LEU A 353 -2.66 1.11 -3.52
CA LEU A 353 -3.11 -0.17 -4.07
C LEU A 353 -3.98 0.04 -5.30
N LYS A 354 -4.77 1.12 -5.32
CA LYS A 354 -5.61 1.41 -6.47
C LYS A 354 -4.77 1.57 -7.73
N ARG A 355 -3.65 2.31 -7.63
CA ARG A 355 -2.76 2.49 -8.77
C ARG A 355 -2.06 1.19 -9.13
N THR A 356 -1.53 0.49 -8.13
CA THR A 356 -0.74 -0.71 -8.39
C THR A 356 -1.59 -1.83 -8.99
N GLU A 357 -2.87 -1.92 -8.58
CA GLU A 357 -3.75 -2.92 -9.17
C GLU A 357 -3.86 -2.71 -10.68
N LYS A 358 -4.09 -1.47 -11.11
CA LYS A 358 -4.21 -1.19 -12.54
C LYS A 358 -2.87 -1.34 -13.24
N ASP A 359 -1.79 -0.82 -12.64
CA ASP A 359 -0.47 -0.91 -13.26
C ASP A 359 0.02 -2.35 -13.34
N ALA A 360 -0.37 -3.20 -12.38
CA ALA A 360 0.02 -4.60 -12.46
C ALA A 360 -0.66 -5.29 -13.63
N ALA A 361 -1.96 -5.03 -13.84
CA ALA A 361 -2.66 -5.60 -14.98
C ALA A 361 -2.06 -5.10 -16.30
N GLU A 362 -1.72 -3.82 -16.36
CA GLU A 362 -1.04 -3.29 -17.54
C GLU A 362 0.30 -4.00 -17.76
N SER A 363 1.10 -4.15 -16.70
CA SER A 363 2.44 -4.69 -16.87
C SER A 363 2.42 -6.12 -17.41
N THR A 364 1.36 -6.87 -17.11
CA THR A 364 1.25 -8.23 -17.63
C THR A 364 1.26 -8.21 -19.16
N LEU A 365 0.50 -7.30 -19.77
CA LEU A 365 0.45 -7.27 -21.24
C LEU A 365 1.72 -6.66 -21.81
N LEU A 366 2.27 -5.61 -21.18
CA LEU A 366 3.52 -5.04 -21.66
C LEU A 366 4.63 -6.09 -21.69
N SER A 367 4.73 -6.90 -20.64
CA SER A 367 5.80 -7.89 -20.62
C SER A 367 5.58 -9.00 -21.63
N THR A 368 4.32 -9.39 -21.86
CA THR A 368 4.06 -10.38 -22.90
C THR A 368 4.45 -9.84 -24.27
N TRP A 369 4.12 -8.59 -24.56
CA TRP A 369 4.48 -8.02 -25.86
C TRP A 369 6.00 -7.94 -26.04
N LEU A 370 6.73 -7.59 -24.98
CA LEU A 370 8.18 -7.50 -25.10
C LEU A 370 8.79 -8.87 -25.32
N LYS A 371 8.32 -9.90 -24.60
CA LYS A 371 8.81 -11.25 -24.85
C LYS A 371 8.49 -11.68 -26.28
N ALA A 372 7.33 -11.25 -26.80
CA ALA A 372 7.00 -11.51 -28.20
C ALA A 372 7.93 -10.76 -29.15
N SER A 373 8.32 -9.54 -28.80
CA SER A 373 9.28 -8.80 -29.60
C SER A 373 10.63 -9.53 -29.63
N GLU A 374 11.03 -10.10 -28.50
CA GLU A 374 12.26 -10.87 -28.45
C GLU A 374 12.18 -12.08 -29.39
N ASN A 375 11.06 -12.79 -29.36
CA ASN A 375 10.89 -13.92 -30.26
C ASN A 375 10.92 -13.47 -31.71
N GLN A 376 10.28 -12.34 -32.02
CA GLN A 376 10.31 -11.83 -33.38
C GLN A 376 11.74 -11.54 -33.81
N GLY A 377 12.53 -10.91 -32.93
CA GLY A 377 13.91 -10.60 -33.27
C GLY A 377 14.76 -11.83 -33.49
N ASN A 378 14.44 -12.92 -32.79
CA ASN A 378 15.15 -14.17 -33.00
C ASN A 378 14.75 -14.87 -34.29
N SER A 379 13.77 -14.33 -35.01
CA SER A 379 13.28 -14.95 -36.23
C SER A 379 13.73 -14.25 -37.51
N VAL A 380 14.23 -13.01 -37.41
CA VAL A 380 14.50 -12.25 -38.64
C VAL A 380 15.56 -12.95 -39.48
N ALA A 381 16.52 -13.61 -38.84
CA ALA A 381 17.59 -14.26 -39.59
C ALA A 381 17.04 -15.31 -40.55
N GLN A 382 16.06 -16.10 -40.10
CA GLN A 382 15.48 -17.12 -40.97
C GLN A 382 14.83 -16.50 -42.20
N LYS A 383 14.18 -15.35 -42.02
CA LYS A 383 13.61 -14.65 -43.18
C LYS A 383 14.70 -14.16 -44.12
N LEU A 384 15.72 -13.50 -43.55
CA LEU A 384 16.76 -12.92 -44.38
C LEU A 384 17.54 -13.99 -45.14
N ILE A 385 17.81 -15.12 -44.47
CA ILE A 385 18.49 -16.22 -45.14
C ILE A 385 17.70 -16.67 -46.37
N LYS A 386 16.41 -16.92 -46.17
CA LYS A 386 15.54 -17.41 -47.24
C LYS A 386 15.26 -16.32 -48.25
C1 NAG B . 21.52 -1.01 -32.16
C2 NAG B . 21.04 0.23 -31.45
C3 NAG B . 21.38 1.48 -32.26
C4 NAG B . 22.84 1.50 -32.69
C5 NAG B . 23.26 0.15 -33.28
C6 NAG B . 24.75 0.05 -33.52
C7 NAG B . 19.02 0.45 -30.06
C8 NAG B . 17.52 0.31 -30.04
N2 NAG B . 19.61 0.15 -31.23
O3 NAG B . 21.13 2.62 -31.44
O4 NAG B . 23.01 2.43 -33.76
O5 NAG B . 22.92 -0.91 -32.39
O6 NAG B . 25.07 -1.01 -34.40
O7 NAG B . 19.66 0.81 -29.08
H2 NAG B . 21.50 0.29 -30.59
H3 NAG B . 20.82 1.50 -33.06
H4 NAG B . 23.38 1.72 -31.91
H5 NAG B . 22.79 0.02 -34.12
H61 NAG B . 25.20 -0.10 -32.65
H62 NAG B . 25.07 0.89 -33.89
H81 NAG B . 17.28 -0.57 -29.69
H82 NAG B . 17.17 0.42 -30.94
H83 NAG B . 17.15 1.00 -29.46
HN2 NAG B . 19.08 -0.12 -31.92
HO3 NAG B . 20.80 3.29 -31.92
HO6 NAG B . 25.95 -1.13 -34.42
C1 NAG B . 23.49 3.72 -33.38
C2 NAG B . 24.01 4.41 -34.65
C3 NAG B . 24.37 5.87 -34.36
C4 NAG B . 23.21 6.58 -33.70
C5 NAG B . 22.78 5.80 -32.47
C6 NAG B . 21.57 6.39 -31.79
C7 NAG B . 25.09 2.82 -36.19
C8 NAG B . 26.39 2.19 -36.59
N2 NAG B . 25.16 3.69 -35.17
O3 NAG B . 24.68 6.51 -35.60
O4 NAG B . 23.59 7.89 -33.30
O5 NAG B . 22.42 4.47 -32.85
O6 NAG B . 20.49 6.53 -32.71
O7 NAG B . 24.04 2.58 -36.76
H2 NAG B . 23.30 4.40 -35.31
H3 NAG B . 25.14 5.90 -33.77
H4 NAG B . 22.47 6.65 -34.34
H5 NAG B . 23.52 5.78 -31.83
H61 NAG B . 21.80 7.27 -31.43
H62 NAG B . 21.30 5.81 -31.06
H81 NAG B . 26.23 1.58 -37.34
H82 NAG B . 26.76 1.69 -35.83
H83 NAG B . 27.02 2.87 -36.86
HN2 NAG B . 25.97 3.84 -34.78
HO3 NAG B . 25.23 7.19 -35.45
HO6 NAG B . 19.75 6.21 -32.32
C1 BMA B . 23.51 8.80 -34.40
C2 BMA B . 22.79 10.06 -33.91
C3 BMA B . 22.89 11.15 -34.96
C4 BMA B . 24.33 11.37 -35.44
C5 BMA B . 24.86 10.05 -35.92
C6 BMA B . 26.32 10.10 -36.36
O2 BMA B . 23.41 10.54 -32.72
O3 BMA B . 22.39 12.36 -34.48
O4 BMA B . 24.34 12.30 -36.51
O5 BMA B . 24.80 9.10 -34.85
O6 BMA B . 26.66 8.80 -36.75
H2 BMA B . 21.73 9.84 -33.71
H3 BMA B . 22.28 10.84 -35.83
H4 BMA B . 24.94 11.73 -34.60
H5 BMA B . 24.25 9.73 -36.78
H61 BMA B . 26.93 10.45 -35.50
H62 BMA B . 26.43 10.83 -37.18
HO2 BMA B . 23.50 11.49 -32.84
HO4 BMA B . 23.87 13.09 -36.17
C1 MAN B . 21.06 12.58 -34.98
C2 MAN B . 20.92 14.10 -35.13
C3 MAN B . 21.24 14.73 -33.80
C4 MAN B . 20.14 14.22 -32.81
C5 MAN B . 20.29 12.69 -32.70
C6 MAN B . 19.24 12.03 -31.82
O2 MAN B . 19.58 14.48 -35.37
O3 MAN B . 21.31 16.09 -33.82
O4 MAN B . 20.32 14.89 -31.59
O5 MAN B . 20.16 12.10 -34.04
O6 MAN B . 19.14 12.82 -30.67
H2 MAN B . 21.57 14.45 -35.95
H3 MAN B . 22.25 14.46 -33.47
H4 MAN B . 19.11 14.40 -33.16
H5 MAN B . 21.29 12.47 -32.29
H61 MAN B . 19.57 11.01 -31.59
H62 MAN B . 18.30 11.98 -32.39
HO3 MAN B . 22.03 16.29 -34.45
HO4 MAN B . 19.47 14.79 -31.14
HO6 MAN B . 19.77 12.49 -30.03
C1 MAN B . 19.48 15.92 -35.46
C2 MAN B . 18.00 16.30 -35.54
C3 MAN B . 17.41 15.54 -36.72
C4 MAN B . 18.24 15.79 -37.99
C5 MAN B . 19.73 15.57 -37.75
C6 MAN B . 20.59 16.02 -38.92
O2 MAN B . 17.84 17.69 -35.82
O3 MAN B . 16.04 15.90 -36.93
O4 MAN B . 17.81 14.91 -39.03
O5 MAN B . 20.15 16.31 -36.62
O6 MAN B . 21.86 15.40 -38.82
H2 MAN B . 17.48 16.06 -34.61
H3 MAN B . 17.41 14.47 -36.50
H4 MAN B . 18.10 16.86 -38.24
H5 MAN B . 19.91 14.50 -37.58
H61 MAN B . 20.67 17.12 -38.87
H62 MAN B . 20.07 15.75 -39.85
HO2 MAN B . 17.13 17.80 -36.46
HO3 MAN B . 15.86 15.68 -37.86
HO4 MAN B . 17.81 15.43 -39.84
HO6 MAN B . 22.01 15.16 -37.90
C1 MAN B . 28.08 8.71 -36.90
C2 MAN B . 28.33 7.55 -37.88
C3 MAN B . 27.85 6.24 -37.26
C4 MAN B . 28.51 6.02 -35.90
C5 MAN B . 28.28 7.26 -35.00
C6 MAN B . 29.09 7.13 -33.70
O2 MAN B . 29.72 7.39 -38.13
O3 MAN B . 28.12 5.14 -38.11
O4 MAN B . 27.95 4.87 -35.25
O5 MAN B . 28.72 8.44 -35.67
O6 MAN B . 30.47 7.10 -34.06
H2 MAN B . 27.79 7.74 -38.82
H3 MAN B . 26.77 6.28 -37.11
H4 MAN B . 29.58 5.90 -36.06
H5 MAN B . 27.22 7.36 -34.78
H61 MAN B . 28.79 6.20 -33.18
H62 MAN B . 28.86 7.99 -33.04
HO2 MAN B . 29.90 6.46 -38.32
HO3 MAN B . 27.29 4.97 -38.60
HO4 MAN B . 28.63 4.18 -35.29
HO6 MAN B . 30.62 7.79 -34.72
C1 GLC C . -26.72 7.70 34.77
C2 GLC C . -26.98 6.40 35.53
C3 GLC C . -28.07 5.61 34.84
C4 GLC C . -29.31 6.46 34.59
C5 GLC C . -28.96 7.81 33.97
C6 GLC C . -30.18 8.72 33.90
O2 GLC C . -25.80 5.61 35.59
O3 GLC C . -28.44 4.47 35.62
O4 GLC C . -30.21 5.76 33.73
O5 GLC C . -27.93 8.46 34.72
O6 GLC C . -29.82 9.99 33.37
H2 GLC C . -27.28 6.67 36.55
H3 GLC C . -27.68 5.27 33.87
H4 GLC C . -29.80 6.67 35.56
H5 GLC C . -28.58 7.63 32.95
H61 GLC C . -30.59 8.84 34.91
H62 GLC C . -30.94 8.26 33.28
HO2 GLC C . -25.02 6.15 35.39
HO3 GLC C . -27.80 4.36 36.34
HO4 GLC C . -30.03 4.81 33.78
HO6 GLC C . -28.87 10.00 33.15
#